data_2JAK
#
_entry.id   2JAK
#
_cell.length_a   105.800
_cell.length_b   105.800
_cell.length_c   82.100
_cell.angle_alpha   90.00
_cell.angle_beta   90.00
_cell.angle_gamma   120.00
#
_symmetry.space_group_name_H-M   'P 31 2 1'
#
loop_
_entity.id
_entity.type
_entity.pdbx_description
1 polymer 'SERINE/THREONINE-PROTEIN PHOSPHATASE 2A 56 KDA REGULATORY SUBUNIT GAMMA ISOFORM'
2 water water
#
_entity_poly.entity_id   1
_entity_poly.type   'polypeptide(L)'
_entity_poly.pdbx_seq_one_letter_code
;MHHHHHHSSGVDLGTENLYFQSMVVDAANSNGPFQPVVLLHIRDVPPADQEKLFIQKLRQCCVLFDFVSDPLSDLKWKEV
KRAALSEMVEYITHNRNVITEPIYPEVVHMFAVNMFRTLPPSSNPTGAEFDPEEDEPTLEAAWPHLQLVYEFFLRFLESP
DFQPNIAKKYIDQKFVLQLLELFDSEDPRERDFLKTTLHRIYGKFLGLRAYIRKQINNIFYRFIYETEHHNGIAELLEIL
GSIINGFALPLKEEHKIFLLKVLLPLHKVKSLSVYHPQLAYCVVQFLEKDSTLTEPVVMALLKYWPKTHSPKEVMFLNEL
EEILDVIEPSEFVKIMEPLFRQLAKCVSSPHFQVAERALYYWNNEYIMSLISDNAAKILPIMFPSLYRNSKT
;
_entity_poly.pdbx_strand_id   A
#
# COMPACT_ATOMS: atom_id res chain seq x y z
N ILE A 42 10.49 31.69 23.85
CA ILE A 42 11.77 32.14 23.24
C ILE A 42 11.48 32.94 21.98
N ARG A 43 10.81 32.31 21.02
CA ARG A 43 10.53 32.91 19.71
C ARG A 43 9.15 33.55 19.63
N ASP A 44 8.89 34.24 18.52
CA ASP A 44 7.63 34.94 18.29
C ASP A 44 7.09 34.62 16.89
N VAL A 45 5.79 34.36 16.81
CA VAL A 45 5.15 33.90 15.55
C VAL A 45 5.02 35.02 14.50
N PRO A 47 3.91 39.07 11.85
CA PRO A 47 4.64 38.42 10.78
C PRO A 47 5.75 39.32 10.18
N ALA A 48 6.96 39.24 10.75
CA ALA A 48 8.08 40.11 10.36
C ALA A 48 8.90 39.61 9.17
N ASP A 49 8.23 39.35 8.04
CA ASP A 49 8.86 39.05 6.72
C ASP A 49 9.54 37.67 6.55
N GLN A 50 10.67 37.48 7.23
CA GLN A 50 11.76 36.61 6.76
C GLN A 50 11.59 35.10 6.96
N GLU A 51 12.46 34.36 6.27
CA GLU A 51 12.55 32.92 6.39
C GLU A 51 13.57 32.53 7.47
N LYS A 52 14.40 33.49 7.89
CA LYS A 52 15.40 33.23 8.93
C LYS A 52 14.74 32.67 10.19
N LEU A 53 13.55 33.20 10.51
CA LEU A 53 12.79 32.73 11.68
C LEU A 53 11.95 31.49 11.37
N PHE A 54 11.58 31.33 10.10
CA PHE A 54 10.95 30.08 9.65
C PHE A 54 11.90 28.89 9.86
N ILE A 55 13.17 29.07 9.53
CA ILE A 55 14.18 28.06 9.86
C ILE A 55 14.20 27.81 11.37
N GLN A 56 14.30 28.89 12.14
CA GLN A 56 14.34 28.80 13.60
C GLN A 56 13.17 28.00 14.14
N LYS A 57 11.99 28.14 13.53
CA LYS A 57 10.85 27.37 13.98
C LYS A 57 11.07 25.88 13.68
N LEU A 58 11.52 25.55 12.49
CA LEU A 58 11.81 24.15 12.14
C LEU A 58 12.77 23.51 13.14
N ARG A 59 13.83 24.23 13.50
CA ARG A 59 14.87 23.67 14.41
C ARG A 59 14.34 23.50 15.84
N GLN A 60 13.49 24.42 16.26
CA GLN A 60 12.74 24.26 17.50
C GLN A 60 12.03 22.90 17.52
N CYS A 61 11.48 22.47 16.38
CA CYS A 61 10.69 21.23 16.29
C CYS A 61 11.53 19.92 16.17
N CYS A 62 12.85 20.02 16.25
CA CYS A 62 13.72 18.83 16.26
C CYS A 62 13.94 18.33 17.68
N VAL A 63 13.59 19.18 18.65
CA VAL A 63 13.60 18.80 20.05
C VAL A 63 12.52 17.73 20.25
N LEU A 64 12.94 16.59 20.81
CA LEU A 64 12.12 15.40 20.91
C LEU A 64 11.66 15.21 22.35
N PHE A 65 10.39 14.91 22.53
CA PHE A 65 9.79 14.83 23.86
C PHE A 65 9.40 13.42 24.22
N ASP A 66 9.24 13.17 25.51
CA ASP A 66 8.94 11.85 26.03
C ASP A 66 7.44 11.77 26.30
N PHE A 67 6.76 10.94 25.51
CA PHE A 67 5.32 10.67 25.71
C PHE A 67 5.07 9.29 26.34
N VAL A 68 6.08 8.41 26.28
CA VAL A 68 5.92 6.99 26.59
C VAL A 68 6.17 6.64 28.06
N SER A 69 7.27 7.10 28.64
CA SER A 69 7.62 6.78 30.04
C SER A 69 6.95 7.75 30.99
N ASP A 70 7.18 9.04 30.75
CA ASP A 70 6.57 10.13 31.50
C ASP A 70 5.59 10.87 30.57
N PRO A 71 4.27 10.70 30.77
CA PRO A 71 3.25 11.45 30.03
C PRO A 71 2.86 12.81 30.63
N LEU A 72 3.03 12.99 31.93
CA LEU A 72 2.77 14.29 32.56
C LEU A 72 3.95 15.28 32.37
N SER A 73 4.86 14.97 31.45
CA SER A 73 6.16 15.66 31.37
C SER A 73 6.24 16.68 30.24
N ASP A 74 6.78 17.85 30.57
CA ASP A 74 7.03 18.94 29.62
C ASP A 74 5.77 19.37 28.86
N LEU A 75 4.65 19.49 29.56
CA LEU A 75 3.41 19.88 28.91
C LEU A 75 3.56 21.23 28.18
N LYS A 76 4.03 22.24 28.89
CA LYS A 76 4.18 23.62 28.35
C LYS A 76 4.92 23.68 27.01
N TRP A 77 6.01 22.92 26.90
CA TRP A 77 6.90 22.97 25.73
C TRP A 77 6.38 22.07 24.61
N LYS A 78 5.90 20.87 24.96
CA LYS A 78 5.19 20.00 23.99
C LYS A 78 4.16 20.84 23.28
N GLU A 79 3.50 21.69 24.03
CA GLU A 79 2.50 22.60 23.50
C GLU A 79 3.08 23.67 22.58
N VAL A 80 4.23 24.21 22.93
CA VAL A 80 4.93 25.17 22.05
C VAL A 80 5.27 24.52 20.71
N LYS A 81 5.95 23.37 20.77
CA LYS A 81 6.31 22.57 19.59
C LYS A 81 5.08 22.20 18.78
N ARG A 82 4.14 21.53 19.45
CA ARG A 82 2.86 21.12 18.88
C ARG A 82 2.05 22.30 18.35
N ALA A 83 2.38 23.51 18.78
CA ALA A 83 1.77 24.72 18.22
C ALA A 83 2.52 25.10 16.96
N ALA A 84 3.85 25.18 17.06
CA ALA A 84 4.70 25.62 15.94
C ALA A 84 4.55 24.75 14.68
N LEU A 85 4.34 23.44 14.88
CA LEU A 85 3.96 22.56 13.78
C LEU A 85 2.65 23.06 13.22
N SER A 86 1.62 23.15 14.05
CA SER A 86 0.29 23.56 13.61
C SER A 86 0.33 24.91 12.89
N GLU A 87 1.20 25.83 13.36
CA GLU A 87 1.51 27.08 12.64
C GLU A 87 2.15 26.80 11.27
N MET A 88 3.19 25.98 11.27
CA MET A 88 3.98 25.73 10.05
C MET A 88 3.16 25.08 8.92
N VAL A 89 2.19 24.23 9.29
CA VAL A 89 1.20 23.71 8.32
C VAL A 89 0.45 24.88 7.65
N GLU A 90 -0.23 25.70 8.45
CA GLU A 90 -1.04 26.81 7.90
C GLU A 90 -0.21 27.67 6.94
N TYR A 91 1.02 28.01 7.34
CA TYR A 91 1.86 28.90 6.56
C TYR A 91 2.12 28.33 5.17
N ILE A 92 2.64 27.11 5.14
CA ILE A 92 2.97 26.38 3.92
C ILE A 92 1.73 26.04 3.07
N THR A 93 0.56 25.95 3.72
CA THR A 93 -0.67 25.53 3.06
C THR A 93 -1.63 26.71 2.73
N HIS A 94 -1.12 27.94 2.80
CA HIS A 94 -1.93 29.17 2.55
C HIS A 94 -1.14 30.31 1.89
N ASN A 95 0.11 30.50 2.29
CA ASN A 95 1.04 31.41 1.59
C ASN A 95 1.80 30.63 0.53
N ARG A 96 2.58 31.32 -0.31
CA ARG A 96 3.20 30.68 -1.47
C ARG A 96 4.74 30.57 -1.39
N ASN A 97 5.45 31.49 -2.02
CA ASN A 97 6.87 31.33 -2.29
C ASN A 97 7.73 31.54 -1.06
N VAL A 98 7.93 30.50 -0.25
CA VAL A 98 8.74 30.66 0.95
C VAL A 98 10.14 30.00 1.01
N ILE A 99 10.51 29.11 0.10
CA ILE A 99 10.16 27.67 0.04
C ILE A 99 11.43 27.28 -0.71
N THR A 100 12.54 27.75 -0.16
CA THR A 100 13.71 28.05 -0.94
C THR A 100 14.80 27.04 -0.67
N GLU A 101 15.82 27.05 -1.52
CA GLU A 101 16.98 26.17 -1.37
C GLU A 101 17.31 25.92 0.12
N PRO A 102 17.56 26.99 0.90
CA PRO A 102 17.85 26.84 2.34
C PRO A 102 16.85 26.09 3.21
N ILE A 103 15.54 26.20 2.98
CA ILE A 103 14.57 25.52 3.88
C ILE A 103 14.36 24.03 3.58
N TYR A 104 14.89 23.54 2.47
CA TYR A 104 14.72 22.13 2.09
C TYR A 104 15.39 21.12 3.04
N PRO A 105 16.67 21.32 3.37
CA PRO A 105 17.33 20.47 4.37
C PRO A 105 16.74 20.54 5.78
N GLU A 106 16.36 21.75 6.21
CA GLU A 106 15.77 21.94 7.55
C GLU A 106 14.54 21.04 7.71
N VAL A 107 13.65 21.11 6.72
CA VAL A 107 12.45 20.28 6.66
C VAL A 107 12.74 18.78 6.71
N VAL A 108 13.67 18.35 5.85
CA VAL A 108 14.00 16.93 5.73
C VAL A 108 14.70 16.43 7.00
N HIS A 109 15.54 17.25 7.60
CA HIS A 109 16.13 16.88 8.88
C HIS A 109 15.03 16.79 9.95
N MET A 110 14.21 17.82 10.01
CA MET A 110 13.13 17.92 10.98
C MET A 110 12.27 16.65 10.97
N PHE A 111 11.88 16.22 9.78
CA PHE A 111 11.13 14.97 9.61
C PHE A 111 11.92 13.78 10.14
N ALA A 112 13.15 13.65 9.68
CA ALA A 112 13.98 12.48 9.99
C ALA A 112 14.30 12.37 11.48
N VAL A 113 14.55 13.51 12.13
CA VAL A 113 14.86 13.48 13.55
C VAL A 113 13.63 13.06 14.37
N ASN A 114 12.44 13.49 13.95
CA ASN A 114 11.20 13.11 14.63
C ASN A 114 10.74 11.69 14.28
N MET A 115 10.82 11.31 13.00
CA MET A 115 10.16 10.08 12.53
C MET A 115 11.03 8.83 12.49
N PHE A 116 12.29 8.97 12.10
CA PHE A 116 13.17 7.80 11.98
C PHE A 116 13.65 7.40 13.38
N ARG A 117 12.93 6.46 13.96
CA ARG A 117 13.24 5.89 15.27
C ARG A 117 12.74 4.46 15.31
N THR A 118 13.28 3.70 16.25
CA THR A 118 12.84 2.33 16.49
C THR A 118 11.41 2.40 17.06
N LEU A 119 10.57 1.41 16.72
CA LEU A 119 9.15 1.39 17.16
C LEU A 119 8.94 0.49 18.40
N PRO A 120 7.83 0.71 19.15
CA PRO A 120 7.38 -0.09 20.31
C PRO A 120 7.23 -1.61 20.08
N PRO A 121 6.81 -2.37 21.12
CA PRO A 121 6.61 -3.82 21.00
C PRO A 121 5.27 -4.19 20.37
N PRO A 137 -4.27 -3.26 18.77
CA PRO A 137 -3.50 -2.26 18.01
C PRO A 137 -2.82 -1.24 18.94
N THR A 138 -1.49 -1.12 18.84
CA THR A 138 -0.71 -0.30 19.78
C THR A 138 -0.47 1.10 19.19
N LEU A 139 -1.20 2.09 19.69
CA LEU A 139 -1.16 3.45 19.13
C LEU A 139 0.09 4.24 19.56
N GLU A 140 0.46 5.23 18.76
CA GLU A 140 1.66 6.06 19.01
C GLU A 140 1.39 7.15 20.05
N ALA A 141 2.15 7.10 21.16
CA ALA A 141 2.03 8.07 22.24
C ALA A 141 2.43 9.47 21.80
N ALA A 142 3.32 9.55 20.81
CA ALA A 142 3.83 10.82 20.32
C ALA A 142 2.94 11.45 19.22
N TRP A 143 1.72 10.93 19.05
CA TRP A 143 0.86 11.39 17.95
C TRP A 143 0.53 12.89 17.94
N PRO A 144 0.31 13.51 19.10
CA PRO A 144 0.14 14.97 19.08
C PRO A 144 1.24 15.73 18.31
N HIS A 145 2.43 15.16 18.23
CA HIS A 145 3.55 15.76 17.48
C HIS A 145 3.66 15.16 16.09
N LEU A 146 3.56 13.82 16.01
CA LEU A 146 3.93 13.13 14.77
C LEU A 146 2.89 13.40 13.68
N GLN A 147 1.64 13.55 14.11
CA GLN A 147 0.57 13.81 13.16
C GLN A 147 0.91 15.04 12.38
N LEU A 148 1.31 16.10 13.09
CA LEU A 148 1.57 17.37 12.44
C LEU A 148 2.89 17.33 11.69
N VAL A 149 3.85 16.57 12.20
CA VAL A 149 5.07 16.32 11.44
C VAL A 149 4.70 15.75 10.09
N TYR A 150 3.93 14.66 10.08
CA TYR A 150 3.48 14.00 8.81
C TYR A 150 2.60 14.93 7.98
N GLU A 151 1.63 15.57 8.61
CA GLU A 151 0.74 16.47 7.86
C GLU A 151 1.62 17.50 7.13
N PHE A 152 2.58 18.08 7.84
CA PHE A 152 3.46 19.09 7.29
C PHE A 152 4.21 18.58 6.08
N PHE A 153 5.01 17.52 6.26
CA PHE A 153 5.85 17.00 5.22
C PHE A 153 5.05 16.75 3.97
N LEU A 154 3.83 16.26 4.19
CA LEU A 154 2.97 15.89 3.09
C LEU A 154 2.65 17.16 2.34
N ARG A 155 2.10 18.16 3.02
CA ARG A 155 1.74 19.41 2.35
C ARG A 155 2.96 20.02 1.66
N PHE A 156 4.14 19.77 2.23
CA PHE A 156 5.41 20.26 1.71
C PHE A 156 5.78 19.55 0.39
N LEU A 157 5.70 18.22 0.39
CA LEU A 157 5.92 17.44 -0.83
C LEU A 157 4.96 17.79 -1.97
N GLU A 158 3.71 18.17 -1.64
CA GLU A 158 2.71 18.42 -2.66
C GLU A 158 2.38 19.89 -2.86
N SER A 159 3.13 20.74 -2.15
CA SER A 159 3.12 22.17 -2.40
C SER A 159 3.40 22.42 -3.87
N PRO A 160 2.68 23.39 -4.48
CA PRO A 160 2.89 23.69 -5.90
C PRO A 160 4.23 24.35 -6.21
N ASP A 161 4.91 24.87 -5.17
CA ASP A 161 6.27 25.42 -5.28
C ASP A 161 7.36 24.34 -5.12
N PHE A 162 6.98 23.07 -5.05
CA PHE A 162 7.94 21.97 -4.80
C PHE A 162 8.91 21.76 -5.94
N GLN A 163 10.21 21.83 -5.63
CA GLN A 163 11.25 21.49 -6.60
C GLN A 163 11.87 20.13 -6.25
N PRO A 164 11.35 19.05 -6.86
CA PRO A 164 11.96 17.71 -6.76
C PRO A 164 13.44 17.73 -7.11
N ASN A 165 13.75 18.50 -8.13
CA ASN A 165 15.12 18.73 -8.52
C ASN A 165 16.01 19.29 -7.39
N ILE A 166 15.40 19.96 -6.40
CA ILE A 166 16.12 20.48 -5.23
C ILE A 166 16.08 19.46 -4.08
N ALA A 167 14.91 18.91 -3.80
CA ALA A 167 14.73 18.01 -2.64
C ALA A 167 15.46 16.66 -2.77
N LYS A 168 15.88 16.31 -3.99
CA LYS A 168 16.56 15.02 -4.25
C LYS A 168 17.94 14.88 -3.59
N LYS A 169 18.56 15.98 -3.21
CA LYS A 169 19.85 15.92 -2.51
C LYS A 169 19.66 15.45 -1.06
N TYR A 170 18.44 15.58 -0.55
CA TYR A 170 18.13 15.28 0.84
C TYR A 170 17.20 14.07 1.00
N ILE A 171 16.19 13.97 0.14
CA ILE A 171 15.31 12.81 0.11
C ILE A 171 15.95 11.79 -0.81
N ASP A 172 16.92 11.04 -0.26
CA ASP A 172 17.73 10.06 -1.02
C ASP A 172 17.38 8.58 -0.71
N GLN A 173 18.09 7.65 -1.34
CA GLN A 173 17.93 6.21 -1.08
C GLN A 173 17.93 5.88 0.43
N LYS A 174 18.88 6.41 1.21
CA LYS A 174 18.86 6.15 2.66
C LYS A 174 17.55 6.65 3.32
N PHE A 175 17.03 7.78 2.85
CA PHE A 175 15.83 8.37 3.44
C PHE A 175 14.66 7.42 3.23
N VAL A 176 14.49 6.99 1.99
CA VAL A 176 13.46 6.06 1.61
C VAL A 176 13.46 4.78 2.47
N LEU A 177 14.64 4.17 2.61
CA LEU A 177 14.79 2.96 3.44
C LEU A 177 14.25 3.20 4.85
N GLN A 178 14.64 4.30 5.47
CA GLN A 178 14.17 4.60 6.82
C GLN A 178 12.64 4.83 6.87
N LEU A 179 12.04 5.36 5.80
CA LEU A 179 10.58 5.47 5.70
C LEU A 179 9.92 4.11 5.62
N LEU A 180 10.49 3.21 4.82
CA LEU A 180 9.89 1.88 4.67
C LEU A 180 9.86 1.12 5.98
N GLU A 181 10.95 1.18 6.76
CA GLU A 181 10.95 0.62 8.11
C GLU A 181 9.69 1.06 8.88
N LEU A 182 9.29 2.32 8.73
CA LEU A 182 8.16 2.86 9.48
C LEU A 182 6.80 2.21 9.18
N PHE A 183 6.66 1.62 8.00
CA PHE A 183 5.40 0.95 7.64
C PHE A 183 5.07 -0.20 8.59
N ASP A 184 6.07 -0.72 9.32
CA ASP A 184 5.79 -1.76 10.31
C ASP A 184 5.23 -1.21 11.62
N SER A 185 4.93 0.08 11.66
CA SER A 185 4.31 0.65 12.85
C SER A 185 3.00 -0.06 13.04
N GLU A 186 2.48 -0.02 14.24
CA GLU A 186 1.23 -0.67 14.53
C GLU A 186 0.15 0.39 14.68
N ASP A 187 0.51 1.67 14.47
CA ASP A 187 -0.48 2.75 14.51
C ASP A 187 -1.06 2.98 13.10
N PRO A 188 -2.32 2.60 12.88
CA PRO A 188 -2.86 2.61 11.50
C PRO A 188 -2.84 3.97 10.80
N ARG A 189 -2.91 5.06 11.56
CA ARG A 189 -3.02 6.34 10.87
C ARG A 189 -1.64 6.94 10.58
N GLU A 190 -0.62 6.40 11.26
CA GLU A 190 0.76 6.56 10.83
C GLU A 190 0.98 5.80 9.53
N ARG A 191 0.54 4.55 9.48
CA ARG A 191 0.68 3.76 8.25
C ARG A 191 -0.07 4.38 7.07
N ASP A 192 -1.13 5.10 7.37
CA ASP A 192 -1.86 5.84 6.38
C ASP A 192 -1.07 7.03 5.85
N PHE A 193 -0.43 7.79 6.74
CA PHE A 193 0.37 8.91 6.28
C PHE A 193 1.58 8.43 5.51
N LEU A 194 2.19 7.31 5.94
CA LEU A 194 3.36 6.79 5.25
C LEU A 194 3.00 6.37 3.84
N LYS A 195 1.87 5.69 3.71
CA LYS A 195 1.37 5.26 2.40
C LYS A 195 1.32 6.43 1.44
N THR A 196 0.49 7.41 1.75
CA THR A 196 0.40 8.59 0.91
C THR A 196 1.76 9.22 0.68
N THR A 197 2.57 9.36 1.72
CA THR A 197 3.91 9.96 1.57
C THR A 197 4.81 9.22 0.57
N LEU A 198 4.95 7.91 0.72
CA LEU A 198 5.78 7.12 -0.19
C LEU A 198 5.25 7.27 -1.61
N HIS A 199 3.93 7.22 -1.75
CA HIS A 199 3.26 7.48 -3.04
C HIS A 199 3.69 8.81 -3.68
N ARG A 200 3.69 9.91 -2.92
CA ARG A 200 4.16 11.20 -3.46
C ARG A 200 5.65 11.12 -3.83
N ILE A 201 6.44 10.44 -3.02
CA ILE A 201 7.87 10.30 -3.29
C ILE A 201 8.08 9.51 -4.60
N TYR A 202 7.39 8.37 -4.73
CA TYR A 202 7.44 7.61 -5.97
C TYR A 202 7.08 8.47 -7.19
N GLY A 203 6.00 9.24 -7.09
CA GLY A 203 5.52 10.01 -8.23
C GLY A 203 6.45 11.12 -8.68
N LYS A 204 7.09 11.79 -7.72
CA LYS A 204 7.91 12.97 -7.99
C LYS A 204 9.43 12.75 -8.07
N PHE A 205 9.92 11.55 -7.80
CA PHE A 205 11.38 11.29 -7.85
C PHE A 205 11.69 10.11 -8.77
N LEU A 206 11.88 10.42 -10.04
CA LEU A 206 12.15 9.38 -11.00
C LEU A 206 13.36 8.56 -10.58
N GLY A 207 14.35 9.25 -10.00
CA GLY A 207 15.58 8.64 -9.54
C GLY A 207 15.43 7.60 -8.44
N LEU A 208 14.28 7.55 -7.81
CA LEU A 208 14.07 6.62 -6.70
C LEU A 208 13.11 5.48 -7.01
N ARG A 209 12.47 5.51 -8.17
CA ARG A 209 11.41 4.55 -8.48
C ARG A 209 11.85 3.09 -8.45
N ALA A 210 12.96 2.79 -9.11
CA ALA A 210 13.48 1.44 -9.15
C ALA A 210 13.76 1.00 -7.73
N TYR A 211 14.44 1.84 -6.98
CA TYR A 211 14.85 1.51 -5.65
C TYR A 211 13.63 1.21 -4.76
N ILE A 212 12.62 2.07 -4.81
CA ILE A 212 11.39 1.84 -4.07
C ILE A 212 10.74 0.52 -4.48
N ARG A 213 10.57 0.27 -5.77
CA ARG A 213 10.00 -0.99 -6.28
C ARG A 213 10.73 -2.19 -5.69
N LYS A 214 12.07 -2.14 -5.78
CA LYS A 214 12.89 -3.26 -5.34
C LYS A 214 12.79 -3.45 -3.84
N GLN A 215 12.73 -2.37 -3.06
CA GLN A 215 12.62 -2.49 -1.61
C GLN A 215 11.25 -3.00 -1.14
N ILE A 216 10.17 -2.52 -1.74
CA ILE A 216 8.85 -3.11 -1.48
C ILE A 216 8.85 -4.62 -1.77
N ASN A 217 9.39 -5.01 -2.91
CA ASN A 217 9.49 -6.43 -3.27
C ASN A 217 10.14 -7.20 -2.12
N ASN A 218 11.25 -6.66 -1.61
CA ASN A 218 11.96 -7.26 -0.51
C ASN A 218 11.11 -7.47 0.75
N ILE A 219 10.37 -6.46 1.16
CA ILE A 219 9.50 -6.53 2.34
C ILE A 219 8.45 -7.63 2.18
N PHE A 220 7.89 -7.78 0.99
CA PHE A 220 6.99 -8.91 0.68
C PHE A 220 7.72 -10.24 0.72
N TYR A 221 8.96 -10.25 0.26
CA TYR A 221 9.73 -11.47 0.29
C TYR A 221 9.96 -12.00 1.71
N ARG A 222 10.41 -11.14 2.60
CA ARG A 222 10.72 -11.57 3.98
C ARG A 222 9.46 -11.87 4.78
N PHE A 223 8.36 -11.22 4.40
CA PHE A 223 7.04 -11.42 5.02
C PHE A 223 6.54 -12.83 4.76
N ILE A 224 6.90 -13.39 3.62
CA ILE A 224 6.43 -14.69 3.21
C ILE A 224 7.39 -15.85 3.51
N TYR A 225 8.66 -15.72 3.13
CA TYR A 225 9.61 -16.85 3.20
C TYR A 225 10.33 -16.90 4.54
N GLU A 226 10.97 -15.79 4.89
CA GLU A 226 11.61 -15.63 6.19
C GLU A 226 10.50 -15.47 7.21
N THR A 227 10.85 -15.49 8.49
CA THR A 227 9.85 -15.48 9.55
C THR A 227 9.10 -14.13 9.57
N GLU A 228 9.88 -13.05 9.51
CA GLU A 228 9.39 -11.67 9.68
C GLU A 228 7.95 -11.47 9.20
N HIS A 229 7.12 -10.95 10.10
CA HIS A 229 5.78 -10.45 9.78
C HIS A 229 5.84 -8.93 9.60
N HIS A 230 4.79 -8.34 8.99
CA HIS A 230 4.76 -6.89 8.74
C HIS A 230 3.50 -6.08 9.15
N ASN A 231 2.32 -6.47 8.75
CA ASN A 231 1.11 -5.63 8.99
C ASN A 231 1.17 -4.17 8.44
N GLY A 232 2.03 -3.94 7.46
CA GLY A 232 1.94 -2.79 6.58
C GLY A 232 1.86 -3.26 5.15
N ILE A 233 1.59 -4.55 4.95
CA ILE A 233 1.46 -5.13 3.62
C ILE A 233 0.28 -4.52 2.87
N ALA A 234 -0.79 -4.28 3.59
CA ALA A 234 -2.02 -3.79 2.98
C ALA A 234 -1.66 -2.49 2.28
N GLU A 235 -0.98 -1.62 3.02
CA GLU A 235 -0.63 -0.29 2.59
C GLU A 235 0.38 -0.33 1.44
N LEU A 236 1.39 -1.20 1.56
CA LEU A 236 2.42 -1.31 0.53
C LEU A 236 1.81 -1.85 -0.75
N LEU A 237 0.83 -2.74 -0.64
CA LEU A 237 0.20 -3.33 -1.81
C LEU A 237 -0.65 -2.29 -2.56
N GLU A 238 -1.29 -1.40 -1.83
CA GLU A 238 -1.99 -0.27 -2.45
C GLU A 238 -1.00 0.62 -3.27
N ILE A 239 0.17 0.86 -2.74
CA ILE A 239 1.20 1.56 -3.48
C ILE A 239 1.60 0.72 -4.70
N LEU A 240 1.74 -0.59 -4.53
CA LEU A 240 2.09 -1.44 -5.68
C LEU A 240 1.05 -1.41 -6.79
N GLY A 241 -0.24 -1.39 -6.44
CA GLY A 241 -1.30 -1.31 -7.45
C GLY A 241 -1.07 -0.16 -8.42
N SER A 242 -0.75 1.00 -7.87
CA SER A 242 -0.42 2.17 -8.64
C SER A 242 0.90 2.05 -9.42
N ILE A 243 1.94 1.46 -8.83
CA ILE A 243 3.16 1.12 -9.57
C ILE A 243 2.87 0.18 -10.73
N ILE A 244 1.99 -0.79 -10.56
CA ILE A 244 1.69 -1.74 -11.64
C ILE A 244 1.00 -1.08 -12.83
N ASN A 245 -0.01 -0.25 -12.56
CA ASN A 245 -0.64 0.55 -13.62
C ASN A 245 0.34 1.28 -14.52
N GLY A 246 1.50 1.72 -13.97
CA GLY A 246 2.48 2.49 -14.74
C GLY A 246 3.57 1.73 -15.50
N PHE A 247 3.57 0.40 -15.47
CA PHE A 247 4.57 -0.39 -16.18
C PHE A 247 4.41 -0.21 -17.67
N ALA A 248 5.53 -0.21 -18.38
CA ALA A 248 5.54 -0.20 -19.84
C ALA A 248 5.14 -1.58 -20.38
N LEU A 249 4.49 -1.57 -21.53
CA LEU A 249 4.20 -2.74 -22.32
C LEU A 249 5.19 -2.78 -23.47
N PRO A 250 5.75 -3.96 -23.78
CA PRO A 250 5.52 -5.27 -23.15
C PRO A 250 6.19 -5.36 -21.76
N LEU A 251 5.56 -6.09 -20.85
CA LEU A 251 6.02 -6.17 -19.46
C LEU A 251 7.43 -6.73 -19.39
N LYS A 252 8.30 -6.00 -18.70
CA LYS A 252 9.62 -6.51 -18.41
C LYS A 252 9.46 -7.84 -17.68
N GLU A 253 10.32 -8.79 -17.99
CA GLU A 253 10.25 -10.12 -17.40
C GLU A 253 10.31 -10.09 -15.88
N GLU A 254 11.08 -9.15 -15.32
CA GLU A 254 11.23 -9.07 -13.86
C GLU A 254 9.89 -8.85 -13.14
N HIS A 255 8.93 -8.24 -13.82
CA HIS A 255 7.63 -7.98 -13.25
C HIS A 255 6.74 -9.23 -13.31
N LYS A 256 6.81 -9.95 -14.43
CA LYS A 256 6.19 -11.25 -14.55
C LYS A 256 6.73 -12.25 -13.50
N ILE A 257 8.04 -12.17 -13.20
CA ILE A 257 8.63 -13.02 -12.17
C ILE A 257 8.10 -12.61 -10.81
N PHE A 258 8.09 -11.31 -10.56
CA PHE A 258 7.58 -10.80 -9.31
C PHE A 258 6.15 -11.30 -9.07
N LEU A 259 5.34 -11.34 -10.14
CA LEU A 259 3.95 -11.78 -10.03
C LEU A 259 3.88 -13.24 -9.59
N LEU A 260 4.57 -14.13 -10.29
CA LEU A 260 4.52 -15.56 -9.96
C LEU A 260 5.32 -15.94 -8.72
N LYS A 261 6.43 -15.25 -8.44
CA LYS A 261 7.29 -15.59 -7.31
C LYS A 261 6.94 -14.90 -5.98
N VAL A 262 6.17 -13.80 -6.00
CA VAL A 262 5.88 -13.02 -4.77
C VAL A 262 4.41 -12.65 -4.58
N LEU A 263 3.76 -12.10 -5.62
CA LEU A 263 2.38 -11.63 -5.47
C LEU A 263 1.45 -12.80 -5.25
N LEU A 264 1.56 -13.82 -6.08
CA LEU A 264 0.64 -14.94 -6.00
C LEU A 264 0.78 -15.70 -4.68
N PRO A 265 2.03 -16.01 -4.26
CA PRO A 265 2.24 -16.62 -2.96
C PRO A 265 1.73 -15.85 -1.73
N LEU A 266 1.55 -14.53 -1.83
CA LEU A 266 0.93 -13.80 -0.71
C LEU A 266 -0.44 -14.40 -0.32
N HIS A 267 -1.06 -15.15 -1.23
CA HIS A 267 -2.40 -15.70 -1.01
C HIS A 267 -2.39 -16.91 -0.06
N LYS A 268 -1.30 -17.08 0.70
CA LYS A 268 -1.05 -18.31 1.44
C LYS A 268 -0.75 -18.04 2.92
N VAL A 269 -0.05 -16.95 3.20
CA VAL A 269 0.16 -16.51 4.56
C VAL A 269 -1.19 -16.33 5.27
N LYS A 270 -1.29 -16.84 6.50
CA LYS A 270 -2.56 -16.93 7.21
C LYS A 270 -3.27 -15.61 7.48
N SER A 271 -2.52 -14.53 7.56
CA SER A 271 -3.09 -13.19 7.76
C SER A 271 -3.61 -12.54 6.47
N LEU A 272 -3.82 -13.35 5.43
CA LEU A 272 -4.33 -12.89 4.13
C LEU A 272 -5.45 -11.88 4.28
N SER A 273 -6.41 -12.17 5.14
CA SER A 273 -7.64 -11.39 5.22
C SER A 273 -7.41 -9.90 5.50
N VAL A 274 -6.29 -9.57 6.15
CA VAL A 274 -5.99 -8.17 6.49
C VAL A 274 -5.62 -7.33 5.28
N TYR A 275 -5.18 -7.96 4.19
CA TYR A 275 -4.74 -7.23 2.98
C TYR A 275 -5.31 -7.77 1.65
N HIS A 276 -6.19 -8.78 1.73
CA HIS A 276 -6.62 -9.48 0.51
C HIS A 276 -7.25 -8.61 -0.60
N PRO A 277 -8.11 -7.64 -0.23
CA PRO A 277 -8.64 -6.72 -1.26
C PRO A 277 -7.60 -5.98 -2.05
N GLN A 278 -6.50 -5.61 -1.39
CA GLN A 278 -5.37 -4.93 -2.04
C GLN A 278 -4.54 -5.94 -2.84
N LEU A 279 -4.46 -7.17 -2.38
CA LEU A 279 -3.78 -8.20 -3.12
C LEU A 279 -4.53 -8.42 -4.40
N ALA A 280 -5.85 -8.55 -4.28
CA ALA A 280 -6.77 -8.77 -5.43
C ALA A 280 -6.64 -7.67 -6.44
N TYR A 281 -6.61 -6.44 -5.96
CA TYR A 281 -6.50 -5.31 -6.87
C TYR A 281 -5.19 -5.42 -7.68
N CYS A 282 -4.06 -5.71 -7.02
CA CYS A 282 -2.78 -5.85 -7.74
C CYS A 282 -2.78 -6.99 -8.77
N VAL A 283 -3.38 -8.14 -8.45
CA VAL A 283 -3.39 -9.25 -9.43
C VAL A 283 -4.26 -8.86 -10.62
N VAL A 284 -5.41 -8.27 -10.34
CA VAL A 284 -6.32 -7.87 -11.42
C VAL A 284 -5.62 -6.88 -12.34
N GLN A 285 -4.89 -5.93 -11.76
CA GLN A 285 -4.10 -4.96 -12.55
C GLN A 285 -3.03 -5.56 -13.43
N PHE A 286 -2.34 -6.58 -12.93
CA PHE A 286 -1.44 -7.33 -13.82
C PHE A 286 -2.16 -7.87 -15.05
N LEU A 287 -3.35 -8.41 -14.85
CA LEU A 287 -4.06 -9.05 -15.95
C LEU A 287 -4.57 -8.02 -16.92
N GLU A 288 -4.94 -6.84 -16.43
CA GLU A 288 -5.29 -5.70 -17.31
C GLU A 288 -4.10 -5.23 -18.13
N LYS A 289 -2.89 -5.30 -17.60
CA LYS A 289 -1.70 -5.03 -18.39
C LYS A 289 -1.41 -6.10 -19.43
N ASP A 290 -1.56 -7.36 -19.05
CA ASP A 290 -1.14 -8.49 -19.90
C ASP A 290 -1.97 -9.75 -19.61
N SER A 291 -2.99 -9.97 -20.45
CA SER A 291 -3.94 -11.05 -20.23
C SER A 291 -3.31 -12.42 -20.44
N THR A 292 -2.14 -12.42 -21.03
CA THR A 292 -1.32 -13.61 -21.21
C THR A 292 -0.92 -14.25 -19.90
N LEU A 293 -1.09 -13.53 -18.79
CA LEU A 293 -0.74 -14.03 -17.44
C LEU A 293 -1.90 -14.73 -16.75
N THR A 294 -3.06 -14.73 -17.39
CA THR A 294 -4.27 -15.11 -16.67
C THR A 294 -4.21 -16.59 -16.30
N GLU A 295 -3.75 -17.44 -17.22
CA GLU A 295 -3.68 -18.86 -16.91
C GLU A 295 -2.86 -19.14 -15.64
N PRO A 296 -1.54 -18.88 -15.63
CA PRO A 296 -0.80 -19.17 -14.40
C PRO A 296 -1.35 -18.51 -13.13
N VAL A 297 -1.89 -17.30 -13.27
CA VAL A 297 -2.49 -16.64 -12.14
C VAL A 297 -3.69 -17.41 -11.62
N VAL A 298 -4.65 -17.72 -12.49
CA VAL A 298 -5.84 -18.49 -12.05
C VAL A 298 -5.44 -19.86 -11.44
N MET A 299 -4.54 -20.56 -12.13
CA MET A 299 -4.05 -21.85 -11.63
C MET A 299 -3.35 -21.71 -10.29
N ALA A 300 -2.67 -20.59 -10.08
CA ALA A 300 -2.03 -20.36 -8.78
C ALA A 300 -3.12 -20.21 -7.73
N LEU A 301 -4.15 -19.42 -8.03
CA LEU A 301 -5.24 -19.27 -7.07
C LEU A 301 -5.99 -20.59 -6.79
N LEU A 302 -6.18 -21.40 -7.83
CA LEU A 302 -6.79 -22.72 -7.69
C LEU A 302 -5.87 -23.68 -6.95
N LYS A 303 -4.56 -23.46 -7.07
CA LYS A 303 -3.59 -24.22 -6.30
C LYS A 303 -3.65 -23.83 -4.82
N TYR A 304 -3.64 -22.52 -4.51
CA TYR A 304 -3.69 -22.06 -3.13
C TYR A 304 -5.08 -22.05 -2.55
N TRP A 305 -6.05 -22.49 -3.34
CA TRP A 305 -7.44 -22.51 -2.92
C TRP A 305 -7.56 -23.41 -1.69
N PRO A 306 -8.12 -22.90 -0.57
CA PRO A 306 -8.27 -23.73 0.64
C PRO A 306 -8.96 -25.05 0.34
N LYS A 307 -8.21 -26.16 0.45
CA LYS A 307 -8.73 -27.50 0.11
C LYS A 307 -9.70 -28.06 1.17
N THR A 308 -9.56 -27.55 2.40
CA THR A 308 -10.58 -27.72 3.45
C THR A 308 -11.68 -26.67 3.25
N HIS A 309 -12.95 -27.08 3.39
CA HIS A 309 -14.08 -26.15 3.30
C HIS A 309 -14.01 -25.08 4.41
N SER A 310 -14.11 -23.79 4.03
CA SER A 310 -13.79 -22.67 4.94
C SER A 310 -14.39 -21.33 4.50
N PRO A 311 -14.69 -20.40 5.46
CA PRO A 311 -15.27 -19.08 5.13
C PRO A 311 -14.33 -18.07 4.45
N LYS A 312 -13.02 -18.27 4.52
CA LYS A 312 -12.08 -17.48 3.71
C LYS A 312 -12.20 -17.78 2.22
N GLU A 313 -12.90 -18.86 1.87
CA GLU A 313 -13.22 -19.15 0.47
C GLU A 313 -14.02 -18.01 -0.19
N VAL A 314 -14.79 -17.28 0.62
CA VAL A 314 -15.48 -16.09 0.14
C VAL A 314 -14.52 -15.11 -0.56
N MET A 315 -13.31 -14.96 -0.05
CA MET A 315 -12.34 -14.03 -0.63
C MET A 315 -11.78 -14.51 -1.97
N PHE A 316 -11.63 -15.82 -2.12
CA PHE A 316 -11.17 -16.36 -3.39
C PHE A 316 -12.26 -16.23 -4.45
N LEU A 317 -13.50 -16.60 -4.10
CA LEU A 317 -14.65 -16.42 -4.97
C LEU A 317 -14.73 -14.98 -5.45
N ASN A 318 -14.56 -14.06 -4.52
CA ASN A 318 -14.53 -12.61 -4.78
C ASN A 318 -13.49 -12.20 -5.82
N GLU A 319 -12.29 -12.76 -5.68
CA GLU A 319 -11.16 -12.39 -6.48
C GLU A 319 -11.34 -13.03 -7.82
N LEU A 320 -11.85 -14.25 -7.81
CA LEU A 320 -12.07 -14.93 -9.08
C LEU A 320 -13.15 -14.24 -9.89
N GLU A 321 -14.14 -13.65 -9.22
CA GLU A 321 -15.20 -12.98 -9.96
C GLU A 321 -14.63 -11.70 -10.55
N GLU A 322 -13.68 -11.10 -9.84
CA GLU A 322 -13.04 -9.92 -10.39
C GLU A 322 -12.04 -10.21 -11.51
N ILE A 323 -11.41 -11.37 -11.50
CA ILE A 323 -10.66 -11.79 -12.68
C ILE A 323 -11.66 -12.05 -13.80
N LEU A 324 -12.68 -12.86 -13.50
CA LEU A 324 -13.67 -13.19 -14.51
C LEU A 324 -14.32 -11.94 -15.13
N ASP A 325 -14.52 -10.90 -14.32
CA ASP A 325 -15.09 -9.64 -14.84
C ASP A 325 -14.33 -9.02 -16.00
N VAL A 326 -13.02 -9.22 -16.07
CA VAL A 326 -12.19 -8.64 -17.11
C VAL A 326 -11.42 -9.71 -17.92
N ILE A 327 -11.83 -10.97 -17.84
CA ILE A 327 -11.11 -12.06 -18.51
C ILE A 327 -11.32 -11.98 -20.01
N GLU A 328 -10.32 -12.44 -20.75
CA GLU A 328 -10.47 -12.59 -22.20
C GLU A 328 -11.11 -13.96 -22.53
N PRO A 329 -12.00 -14.03 -23.54
CA PRO A 329 -12.63 -15.29 -23.91
C PRO A 329 -11.66 -16.47 -24.16
N SER A 330 -10.58 -16.22 -24.90
CA SER A 330 -9.58 -17.26 -25.21
C SER A 330 -8.81 -17.70 -23.98
N GLU A 331 -8.71 -16.82 -23.01
CA GLU A 331 -8.03 -17.14 -21.76
C GLU A 331 -8.96 -17.94 -20.85
N PHE A 332 -10.25 -17.64 -20.90
CA PHE A 332 -11.26 -18.34 -20.09
C PHE A 332 -11.30 -19.83 -20.46
N VAL A 333 -11.40 -20.14 -21.76
CA VAL A 333 -11.43 -21.54 -22.20
C VAL A 333 -10.25 -22.34 -21.64
N LYS A 334 -9.08 -21.72 -21.52
CA LYS A 334 -7.90 -22.45 -21.04
C LYS A 334 -8.05 -22.85 -19.58
N ILE A 335 -8.83 -22.09 -18.81
CA ILE A 335 -8.98 -22.36 -17.38
C ILE A 335 -10.41 -22.73 -16.94
N MET A 336 -11.37 -22.70 -17.86
CA MET A 336 -12.77 -22.96 -17.51
C MET A 336 -13.02 -24.30 -16.83
N GLU A 337 -12.42 -25.36 -17.35
CA GLU A 337 -12.67 -26.71 -16.81
C GLU A 337 -12.22 -26.82 -15.35
N PRO A 338 -10.90 -26.67 -15.08
CA PRO A 338 -10.46 -26.66 -13.67
C PRO A 338 -11.16 -25.57 -12.84
N LEU A 339 -11.54 -24.45 -13.45
CA LEU A 339 -12.18 -23.41 -12.68
C LEU A 339 -13.56 -23.88 -12.22
N PHE A 340 -14.36 -24.35 -13.18
CA PHE A 340 -15.73 -24.70 -12.85
C PHE A 340 -15.87 -25.95 -11.98
N ARG A 341 -14.81 -26.76 -11.89
CA ARG A 341 -14.82 -27.89 -10.96
C ARG A 341 -14.66 -27.39 -9.53
N GLN A 342 -13.85 -26.35 -9.34
CA GLN A 342 -13.76 -25.73 -8.04
C GLN A 342 -15.11 -25.10 -7.63
N LEU A 343 -15.78 -24.44 -8.57
CA LEU A 343 -17.12 -23.85 -8.32
C LEU A 343 -18.19 -24.89 -8.04
N ALA A 344 -18.10 -26.05 -8.70
CA ALA A 344 -19.04 -27.14 -8.42
C ALA A 344 -18.98 -27.43 -6.93
N LYS A 345 -17.78 -27.69 -6.41
CA LYS A 345 -17.56 -27.89 -4.97
C LYS A 345 -18.15 -26.75 -4.12
N CYS A 346 -17.84 -25.52 -4.51
CA CYS A 346 -18.28 -24.34 -3.76
C CYS A 346 -19.79 -24.21 -3.71
N VAL A 347 -20.45 -24.46 -4.83
CA VAL A 347 -21.91 -24.43 -4.88
C VAL A 347 -22.49 -25.36 -3.84
N SER A 348 -21.93 -26.57 -3.75
CA SER A 348 -22.37 -27.59 -2.77
C SER A 348 -21.64 -27.53 -1.42
N SER A 349 -21.03 -26.39 -1.09
CA SER A 349 -20.35 -26.23 0.19
C SER A 349 -21.33 -26.34 1.34
N PRO A 350 -20.85 -26.84 2.49
CA PRO A 350 -21.70 -26.83 3.69
C PRO A 350 -21.69 -25.44 4.34
N HIS A 351 -20.69 -24.63 4.02
CA HIS A 351 -20.58 -23.28 4.55
C HIS A 351 -21.47 -22.36 3.74
N PHE A 352 -22.58 -21.97 4.36
CA PHE A 352 -23.64 -21.19 3.70
C PHE A 352 -23.11 -20.02 2.85
N GLN A 353 -22.24 -19.22 3.46
CA GLN A 353 -21.67 -18.04 2.80
C GLN A 353 -20.96 -18.38 1.48
N VAL A 354 -20.34 -19.56 1.43
CA VAL A 354 -19.59 -19.99 0.24
C VAL A 354 -20.52 -20.34 -0.92
N ALA A 355 -21.46 -21.23 -0.68
CA ALA A 355 -22.44 -21.60 -1.70
C ALA A 355 -23.07 -20.34 -2.27
N GLU A 356 -23.57 -19.49 -1.39
CA GLU A 356 -24.20 -18.25 -1.81
C GLU A 356 -23.25 -17.42 -2.66
N ARG A 357 -22.01 -17.26 -2.23
CA ARG A 357 -21.11 -16.41 -2.99
C ARG A 357 -20.80 -17.02 -4.33
N ALA A 358 -20.64 -18.33 -4.41
CA ALA A 358 -20.47 -18.99 -5.69
C ALA A 358 -21.76 -18.83 -6.51
N LEU A 359 -22.92 -19.04 -5.88
CA LEU A 359 -24.19 -18.98 -6.61
C LEU A 359 -24.49 -17.57 -7.14
N TYR A 360 -23.85 -16.57 -6.56
CA TYR A 360 -24.03 -15.18 -6.95
C TYR A 360 -23.38 -14.88 -8.30
N TYR A 361 -22.45 -15.72 -8.75
CA TYR A 361 -21.90 -15.65 -10.11
C TYR A 361 -23.02 -15.63 -11.14
N TRP A 362 -24.11 -16.30 -10.84
CA TRP A 362 -25.23 -16.37 -11.77
C TRP A 362 -25.90 -15.00 -12.08
N ASN A 363 -25.68 -13.99 -11.22
CA ASN A 363 -26.05 -12.59 -11.50
C ASN A 363 -25.08 -11.87 -12.40
N ASN A 364 -23.96 -12.49 -12.66
CA ASN A 364 -22.98 -11.84 -13.50
C ASN A 364 -23.25 -12.24 -14.96
N GLU A 365 -23.79 -11.30 -15.71
CA GLU A 365 -24.20 -11.57 -17.09
C GLU A 365 -23.02 -11.98 -17.93
N TYR A 366 -21.88 -11.37 -17.69
CA TYR A 366 -20.68 -11.69 -18.45
C TYR A 366 -20.29 -13.15 -18.27
N ILE A 367 -20.14 -13.56 -17.01
CA ILE A 367 -19.84 -14.96 -16.68
C ILE A 367 -20.93 -15.84 -17.30
N MET A 368 -22.21 -15.46 -17.14
CA MET A 368 -23.28 -16.28 -17.76
C MET A 368 -23.16 -16.44 -19.26
N SER A 369 -22.61 -15.45 -19.95
CA SER A 369 -22.46 -15.60 -21.40
C SER A 369 -21.25 -16.46 -21.74
N LEU A 370 -20.22 -16.39 -20.88
CA LEU A 370 -19.04 -17.26 -21.01
C LEU A 370 -19.45 -18.72 -20.86
N ILE A 371 -20.20 -19.00 -19.79
CA ILE A 371 -20.72 -20.34 -19.56
C ILE A 371 -21.45 -20.82 -20.84
N SER A 372 -22.29 -19.94 -21.34
CA SER A 372 -23.15 -20.18 -22.50
C SER A 372 -22.41 -20.37 -23.82
N ASP A 373 -21.32 -19.64 -24.03
CA ASP A 373 -20.44 -19.85 -25.19
C ASP A 373 -19.69 -21.20 -25.13
N ASN A 374 -19.49 -21.74 -23.92
CA ASN A 374 -18.68 -22.97 -23.75
C ASN A 374 -19.48 -24.04 -23.07
N ALA A 375 -20.77 -24.05 -23.40
CA ALA A 375 -21.72 -24.93 -22.76
C ALA A 375 -21.38 -26.38 -22.99
N ALA A 376 -20.95 -26.76 -24.19
CA ALA A 376 -20.75 -28.20 -24.45
C ALA A 376 -19.77 -28.77 -23.43
N LYS A 377 -18.75 -28.01 -23.08
CA LYS A 377 -17.71 -28.49 -22.18
C LYS A 377 -17.96 -28.16 -20.70
N ILE A 378 -18.67 -27.10 -20.38
CA ILE A 378 -18.98 -26.80 -18.98
C ILE A 378 -20.20 -27.54 -18.43
N LEU A 379 -21.19 -27.78 -19.28
CA LEU A 379 -22.41 -28.48 -18.87
C LEU A 379 -22.15 -29.79 -18.13
N PRO A 380 -21.33 -30.69 -18.70
CA PRO A 380 -21.11 -31.92 -17.91
C PRO A 380 -20.57 -31.67 -16.49
N ILE A 381 -19.80 -30.59 -16.31
CA ILE A 381 -19.29 -30.18 -15.00
C ILE A 381 -20.39 -29.61 -14.07
N MET A 382 -21.37 -28.89 -14.62
CA MET A 382 -22.54 -28.45 -13.85
C MET A 382 -23.47 -29.64 -13.63
N PHE A 383 -23.77 -29.91 -12.37
CA PHE A 383 -23.91 -31.31 -11.90
C PHE A 383 -24.29 -32.40 -12.96
N PRO A 384 -23.63 -33.56 -12.86
CA PRO A 384 -23.91 -34.81 -13.61
C PRO A 384 -25.35 -35.33 -13.52
#